data_4HY2
#
_entry.id   4HY2
#
_cell.length_a   35.4253
_cell.length_b   50.2621
_cell.length_c   57.4562
_cell.angle_alpha   90.000
_cell.angle_beta   101.5152
_cell.angle_gamma   90.000
#
_symmetry.space_group_name_H-M   'P 1 21 1'
#
loop_
_entity.id
_entity.type
_entity.pdbx_description
1 polymer 'Serine/threonine-protein kinase PLK1'
2 polymer PL-42
3 water water
#
loop_
_entity_poly.entity_id
_entity_poly.type
_entity_poly.pdbx_seq_one_letter_code
_entity_poly.pdbx_strand_id
1 'polypeptide(L)'
;DCHLSDMLQQLHSVNASKPSERGLVRQEEAEDPACIPIFWVSKWVDYSDKYGLGYQLCDNSVGVLFNDSTRLILYNDGDS
LQYIERDGTESYLTVSSHPNSLMKKITLLKYFRNYMSEHLLKAGANITPREGDELARLPYLRTWFRTRSAIILHLSNGSV
QINFFQDHTKLILCPLMAAVTYIDEKRDFRTYRLSLLEEYGCCKELASRLRYARTMVDKLLSSRS
;
A
2 'polypeptide(L)' (1C3)LHS(TPO)M(NH2) D
#
# COMPACT_ATOMS: atom_id res chain seq x y z
N HIS A 3 -1.13 -12.75 -8.30
CA HIS A 3 0.13 -12.50 -7.55
C HIS A 3 -0.02 -12.65 -6.04
N LEU A 4 -1.26 -12.54 -5.54
CA LEU A 4 -1.52 -12.68 -4.11
C LEU A 4 -1.18 -14.07 -3.62
N SER A 5 -1.52 -15.08 -4.41
CA SER A 5 -1.25 -16.47 -4.06
C SER A 5 0.26 -16.68 -3.93
N ASP A 6 1.00 -16.04 -4.82
CA ASP A 6 2.45 -16.13 -4.83
C ASP A 6 3.00 -15.48 -3.56
N MET A 7 2.41 -14.35 -3.17
CA MET A 7 2.83 -13.65 -1.96
C MET A 7 2.52 -14.52 -0.75
N LEU A 8 1.35 -15.15 -0.78
CA LEU A 8 0.93 -16.02 0.31
C LEU A 8 1.96 -17.12 0.55
N GLN A 9 2.51 -17.66 -0.54
CA GLN A 9 3.52 -18.70 -0.42
C GLN A 9 4.84 -18.12 0.08
N GLN A 10 5.22 -16.95 -0.42
CA GLN A 10 6.46 -16.33 0.00
C GLN A 10 6.40 -16.11 1.52
N LEU A 11 5.25 -15.68 2.01
CA LEU A 11 5.09 -15.45 3.44
C LEU A 11 5.11 -16.76 4.23
N HIS A 12 4.34 -17.74 3.76
CA HIS A 12 4.30 -19.05 4.42
C HIS A 12 5.71 -19.55 4.65
N SER A 13 6.55 -19.37 3.63
CA SER A 13 7.93 -19.82 3.69
C SER A 13 8.76 -19.09 4.75
N VAL A 14 8.73 -17.76 4.73
CA VAL A 14 9.49 -16.97 5.69
C VAL A 14 9.00 -17.25 7.11
N ASN A 15 7.69 -17.29 7.30
CA ASN A 15 7.13 -17.54 8.63
C ASN A 15 7.48 -18.95 9.13
N ALA A 16 7.42 -19.93 8.25
CA ALA A 16 7.73 -21.32 8.61
C ALA A 16 9.18 -21.44 9.09
N SER A 17 10.05 -20.57 8.58
CA SER A 17 11.46 -20.59 8.96
C SER A 17 11.69 -20.06 10.36
N LYS A 18 10.65 -19.47 10.96
CA LYS A 18 10.76 -18.92 12.31
C LYS A 18 12.00 -18.02 12.38
N PRO A 19 12.04 -16.98 11.54
CA PRO A 19 13.14 -16.01 11.44
C PRO A 19 13.68 -15.38 12.73
N SER A 20 12.85 -15.22 13.74
CA SER A 20 13.33 -14.62 14.98
C SER A 20 13.48 -15.64 16.10
N GLU A 21 12.85 -16.80 15.93
CA GLU A 21 12.86 -17.85 16.94
C GLU A 21 14.22 -18.11 17.56
N ARG A 22 15.13 -18.71 16.80
CA ARG A 22 16.45 -19.00 17.33
C ARG A 22 17.56 -18.72 16.34
N GLY A 23 18.80 -18.96 16.77
CA GLY A 23 19.94 -18.73 15.92
C GLY A 23 20.27 -17.24 15.88
N LEU A 24 21.53 -16.92 15.63
CA LEU A 24 21.97 -15.53 15.56
C LEU A 24 21.28 -14.77 14.44
N VAL A 25 20.41 -13.84 14.80
CA VAL A 25 19.67 -13.03 13.83
C VAL A 25 20.58 -11.99 13.18
N ARG A 26 20.72 -12.08 11.86
CA ARG A 26 21.54 -11.17 11.09
C ARG A 26 20.67 -10.43 10.08
N GLN A 27 19.65 -9.75 10.59
CA GLN A 27 18.69 -9.02 9.76
C GLN A 27 19.30 -8.13 8.68
N GLU A 28 20.39 -7.44 9.02
CA GLU A 28 21.08 -6.55 8.08
C GLU A 28 21.50 -7.22 6.78
N GLU A 29 21.91 -8.48 6.87
CA GLU A 29 22.35 -9.21 5.68
C GLU A 29 21.20 -9.60 4.75
N ALA A 30 19.97 -9.40 5.21
CA ALA A 30 18.81 -9.74 4.40
C ALA A 30 18.33 -8.54 3.60
N GLU A 31 18.90 -7.37 3.91
CA GLU A 31 18.53 -6.15 3.21
C GLU A 31 18.91 -6.26 1.74
N ASP A 32 18.07 -5.71 0.88
CA ASP A 32 18.34 -5.72 -0.55
C ASP A 32 17.82 -4.39 -1.09
N PRO A 33 18.66 -3.35 -1.06
CA PRO A 33 18.30 -2.02 -1.56
C PRO A 33 17.91 -1.99 -3.04
N ALA A 34 18.17 -3.09 -3.74
CA ALA A 34 17.82 -3.17 -5.15
C ALA A 34 16.33 -3.46 -5.31
N CYS A 35 15.69 -3.91 -4.24
CA CYS A 35 14.27 -4.24 -4.28
C CYS A 35 13.37 -3.11 -3.80
N ILE A 36 13.95 -1.93 -3.64
CA ILE A 36 13.21 -0.76 -3.20
C ILE A 36 11.90 -0.64 -3.99
N PRO A 37 10.79 -0.34 -3.31
CA PRO A 37 9.48 -0.20 -3.97
C PRO A 37 9.41 1.02 -4.87
N ILE A 38 8.68 0.89 -5.97
CA ILE A 38 8.52 1.99 -6.89
C ILE A 38 7.36 2.85 -6.37
N PHE A 39 6.27 2.19 -6.02
CA PHE A 39 5.10 2.91 -5.50
C PHE A 39 4.64 2.35 -4.17
N TRP A 40 4.01 3.20 -3.38
CA TRP A 40 3.43 2.83 -2.11
C TRP A 40 2.51 3.96 -1.72
N VAL A 41 1.60 3.69 -0.78
CA VAL A 41 0.68 4.70 -0.31
C VAL A 41 1.33 5.53 0.78
N SER A 42 1.46 6.81 0.53
CA SER A 42 2.08 7.72 1.48
C SER A 42 1.08 8.43 2.39
N LYS A 43 -0.17 8.52 1.94
CA LYS A 43 -1.24 9.16 2.72
C LYS A 43 -2.59 8.55 2.33
N TRP A 44 -3.56 8.58 3.23
CA TRP A 44 -4.89 8.08 2.89
C TRP A 44 -5.92 8.75 3.77
N VAL A 45 -7.16 8.78 3.29
CA VAL A 45 -8.27 9.37 4.02
C VAL A 45 -9.45 8.42 3.89
N ASP A 46 -9.97 7.95 5.03
CA ASP A 46 -11.10 7.02 5.00
C ASP A 46 -12.45 7.74 5.09
N TYR A 47 -13.05 8.00 3.94
CA TYR A 47 -14.34 8.66 3.89
C TYR A 47 -15.33 7.69 3.27
N SER A 48 -15.14 6.40 3.53
CA SER A 48 -16.00 5.36 2.97
C SER A 48 -17.42 5.39 3.50
N ASP A 49 -17.65 6.13 4.57
CA ASP A 49 -19.00 6.21 5.13
C ASP A 49 -19.87 7.00 4.16
N LYS A 50 -19.26 7.86 3.37
CA LYS A 50 -19.99 8.68 2.41
C LYS A 50 -19.55 8.53 0.96
N TYR A 51 -18.24 8.56 0.72
CA TYR A 51 -17.73 8.51 -0.64
C TYR A 51 -16.79 7.35 -0.98
N GLY A 52 -15.75 7.18 -0.18
CA GLY A 52 -14.79 6.11 -0.45
C GLY A 52 -13.44 6.38 0.17
N LEU A 53 -12.43 5.67 -0.31
CA LEU A 53 -11.08 5.79 0.21
C LEU A 53 -10.21 6.67 -0.71
N GLY A 54 -9.64 7.71 -0.12
CA GLY A 54 -8.79 8.59 -0.88
C GLY A 54 -7.36 8.34 -0.47
N TYR A 55 -6.42 8.35 -1.41
CA TYR A 55 -5.03 8.13 -1.06
C TYR A 55 -4.07 8.86 -1.97
N GLN A 56 -2.83 8.93 -1.52
CA GLN A 56 -1.78 9.57 -2.29
C GLN A 56 -0.68 8.55 -2.46
N LEU A 57 -0.13 8.41 -3.66
CA LEU A 57 0.96 7.48 -3.86
C LEU A 57 2.23 8.29 -3.58
N CYS A 58 3.35 7.61 -3.37
CA CYS A 58 4.60 8.30 -3.06
C CYS A 58 5.09 9.28 -4.13
N ASP A 59 4.58 9.16 -5.36
CA ASP A 59 4.99 10.06 -6.44
C ASP A 59 4.09 11.30 -6.48
N ASN A 60 3.25 11.45 -5.45
CA ASN A 60 2.34 12.58 -5.35
C ASN A 60 1.10 12.47 -6.22
N SER A 61 0.90 11.34 -6.87
CA SER A 61 -0.32 11.17 -7.66
C SER A 61 -1.34 10.85 -6.59
N VAL A 62 -2.61 11.11 -6.86
CA VAL A 62 -3.65 10.81 -5.88
C VAL A 62 -4.73 9.95 -6.51
N GLY A 63 -5.38 9.14 -5.69
CA GLY A 63 -6.42 8.28 -6.21
C GLY A 63 -7.56 8.13 -5.23
N VAL A 64 -8.68 7.65 -5.74
CA VAL A 64 -9.83 7.40 -4.91
C VAL A 64 -10.52 6.14 -5.41
N LEU A 65 -10.88 5.30 -4.47
CA LEU A 65 -11.63 4.09 -4.78
C LEU A 65 -12.96 4.41 -4.14
N PHE A 66 -13.93 4.76 -4.99
CA PHE A 66 -15.25 5.11 -4.52
C PHE A 66 -16.03 3.89 -4.07
N ASN A 67 -17.05 4.12 -3.26
CA ASN A 67 -17.88 3.05 -2.75
C ASN A 67 -18.58 2.27 -3.87
N ASP A 68 -18.80 2.92 -5.01
CA ASP A 68 -19.45 2.26 -6.13
C ASP A 68 -18.45 1.46 -6.96
N SER A 69 -17.30 1.17 -6.36
CA SER A 69 -16.25 0.38 -6.98
C SER A 69 -15.58 1.00 -8.20
N THR A 70 -15.76 2.30 -8.37
CA THR A 70 -15.13 2.98 -9.49
C THR A 70 -13.89 3.65 -8.92
N ARG A 71 -12.92 3.94 -9.78
CA ARG A 71 -11.67 4.55 -9.35
C ARG A 71 -11.28 5.76 -10.19
N LEU A 72 -10.79 6.79 -9.52
CA LEU A 72 -10.37 8.00 -10.20
C LEU A 72 -8.94 8.28 -9.78
N ILE A 73 -8.04 8.39 -10.76
CA ILE A 73 -6.64 8.63 -10.47
C ILE A 73 -6.18 9.95 -11.11
N LEU A 74 -5.56 10.80 -10.31
CA LEU A 74 -5.04 12.07 -10.79
C LEU A 74 -3.52 11.98 -10.74
N TYR A 75 -2.87 12.12 -11.89
CA TYR A 75 -1.40 12.04 -11.96
C TYR A 75 -0.75 13.23 -11.26
N ASN A 76 0.55 13.12 -10.99
CA ASN A 76 1.28 14.19 -10.31
C ASN A 76 1.38 15.51 -11.07
N ASP A 77 0.98 15.54 -12.34
CA ASP A 77 1.02 16.80 -13.08
C ASP A 77 -0.19 17.66 -12.69
N GLY A 78 -1.07 17.06 -11.90
CA GLY A 78 -2.25 17.77 -11.42
C GLY A 78 -3.35 17.99 -12.44
N ASP A 79 -3.27 17.34 -13.59
CA ASP A 79 -4.29 17.51 -14.61
C ASP A 79 -4.73 16.20 -15.27
N SER A 80 -3.78 15.32 -15.56
CA SER A 80 -4.12 14.04 -16.18
C SER A 80 -4.93 13.14 -15.26
N LEU A 81 -6.08 12.69 -15.74
CA LEU A 81 -6.98 11.82 -14.97
C LEU A 81 -7.22 10.49 -15.65
N GLN A 82 -7.35 9.46 -14.83
CA GLN A 82 -7.63 8.12 -15.33
C GLN A 82 -8.84 7.64 -14.52
N TYR A 83 -9.88 7.24 -15.22
CA TYR A 83 -11.09 6.76 -14.56
C TYR A 83 -11.34 5.29 -14.85
N ILE A 84 -11.57 4.51 -13.79
CA ILE A 84 -11.82 3.09 -13.94
C ILE A 84 -13.22 2.72 -13.48
N GLU A 85 -14.08 2.38 -14.45
CA GLU A 85 -15.46 2.01 -14.16
C GLU A 85 -15.50 0.67 -13.43
N ARG A 86 -16.70 0.20 -13.12
CA ARG A 86 -16.85 -1.08 -12.43
C ARG A 86 -16.50 -2.25 -13.35
N ASP A 87 -16.84 -2.12 -14.64
CA ASP A 87 -16.55 -3.18 -15.60
C ASP A 87 -15.14 -3.07 -16.19
N GLY A 88 -14.22 -2.54 -15.39
CA GLY A 88 -12.84 -2.39 -15.80
C GLY A 88 -12.54 -1.32 -16.82
N THR A 89 -13.59 -0.81 -17.48
CA THR A 89 -13.43 0.24 -18.49
C THR A 89 -12.52 1.39 -18.07
N GLU A 90 -11.25 1.32 -18.47
CA GLU A 90 -10.29 2.37 -18.14
C GLU A 90 -10.53 3.52 -19.09
N SER A 91 -10.41 4.74 -18.59
CA SER A 91 -10.62 5.93 -19.40
C SER A 91 -9.67 7.05 -19.01
N TYR A 92 -9.12 7.74 -20.01
CA TYR A 92 -8.19 8.84 -19.77
C TYR A 92 -8.87 10.18 -20.02
N LEU A 93 -8.39 11.21 -19.33
CA LEU A 93 -8.94 12.55 -19.46
C LEU A 93 -8.12 13.54 -18.62
N THR A 94 -8.68 14.72 -18.40
CA THR A 94 -7.98 15.74 -17.61
C THR A 94 -8.98 16.48 -16.74
N VAL A 95 -8.44 17.24 -15.79
CA VAL A 95 -9.28 18.00 -14.88
C VAL A 95 -9.86 19.21 -15.63
N SER A 96 -9.17 19.61 -16.70
CA SER A 96 -9.62 20.75 -17.50
C SER A 96 -10.69 20.35 -18.51
N SER A 97 -10.56 19.16 -19.08
CA SER A 97 -11.53 18.67 -20.05
C SER A 97 -12.00 17.28 -19.67
N HIS A 98 -13.16 17.21 -19.03
CA HIS A 98 -13.71 15.93 -18.60
C HIS A 98 -15.22 15.92 -18.85
N PRO A 99 -15.81 14.71 -18.92
CA PRO A 99 -17.26 14.65 -19.15
C PRO A 99 -17.98 15.19 -17.91
N ASN A 100 -19.01 15.98 -18.15
CA ASN A 100 -19.79 16.58 -17.07
C ASN A 100 -20.18 15.56 -15.99
N SER A 101 -20.39 14.31 -16.41
CA SER A 101 -20.78 13.25 -15.47
C SER A 101 -19.77 13.00 -14.35
N LEU A 102 -18.50 13.27 -14.60
CA LEU A 102 -17.46 13.05 -13.59
C LEU A 102 -17.23 14.26 -12.69
N MET A 103 -18.01 15.32 -12.90
CA MET A 103 -17.86 16.54 -12.12
C MET A 103 -17.87 16.28 -10.61
N LYS A 104 -18.86 15.52 -10.14
CA LYS A 104 -18.98 15.21 -8.73
C LYS A 104 -17.75 14.46 -8.20
N LYS A 105 -17.35 13.41 -8.91
CA LYS A 105 -16.21 12.62 -8.48
C LYS A 105 -14.88 13.37 -8.57
N ILE A 106 -14.75 14.25 -9.55
CA ILE A 106 -13.52 15.01 -9.67
C ILE A 106 -13.45 16.06 -8.57
N THR A 107 -14.62 16.55 -8.15
CA THR A 107 -14.70 17.54 -7.08
C THR A 107 -14.21 16.90 -5.78
N LEU A 108 -14.75 15.71 -5.48
CA LEU A 108 -14.38 14.96 -4.29
C LEU A 108 -12.91 14.62 -4.27
N LEU A 109 -12.34 14.28 -5.43
CA LEU A 109 -10.93 13.94 -5.47
C LEU A 109 -10.09 15.15 -5.13
N LYS A 110 -10.47 16.31 -5.66
CA LYS A 110 -9.75 17.54 -5.38
C LYS A 110 -9.80 17.83 -3.90
N TYR A 111 -10.96 17.64 -3.29
CA TYR A 111 -11.11 17.87 -1.86
C TYR A 111 -10.13 16.98 -1.11
N PHE A 112 -10.13 15.69 -1.45
CA PHE A 112 -9.24 14.70 -0.82
C PHE A 112 -7.78 15.13 -0.94
N ARG A 113 -7.39 15.46 -2.17
CA ARG A 113 -6.03 15.87 -2.49
C ARG A 113 -5.60 17.06 -1.65
N ASN A 114 -6.50 18.03 -1.49
CA ASN A 114 -6.26 19.24 -0.72
C ASN A 114 -6.00 18.89 0.73
N TYR A 115 -6.91 18.13 1.31
CA TYR A 115 -6.79 17.71 2.70
C TYR A 115 -5.50 16.96 2.96
N MET A 116 -5.20 15.98 2.10
CA MET A 116 -4.00 15.19 2.29
C MET A 116 -2.71 16.01 2.18
N SER A 117 -2.62 16.85 1.15
CA SER A 117 -1.44 17.65 0.92
C SER A 117 -1.18 18.68 2.01
N GLU A 118 -2.26 19.13 2.66
CA GLU A 118 -2.13 20.13 3.69
C GLU A 118 -2.00 19.62 5.13
N HIS A 119 -2.62 18.48 5.43
CA HIS A 119 -2.59 18.00 6.80
C HIS A 119 -1.93 16.67 7.11
N LEU A 120 -1.65 15.84 6.11
CA LEU A 120 -1.06 14.54 6.43
C LEU A 120 0.40 14.37 6.03
N LEU A 121 1.11 13.57 6.83
CA LEU A 121 2.52 13.31 6.58
C LEU A 121 2.68 12.33 5.43
N LYS A 122 3.74 12.51 4.66
CA LYS A 122 4.00 11.63 3.54
C LYS A 122 4.85 10.46 4.05
N ALA A 123 4.27 9.26 4.13
CA ALA A 123 5.04 8.11 4.58
C ALA A 123 6.15 7.87 3.56
N GLY A 124 7.34 7.55 4.02
CA GLY A 124 8.47 7.31 3.12
C GLY A 124 8.96 8.59 2.43
N ALA A 125 8.74 9.73 3.08
CA ALA A 125 9.14 11.02 2.54
C ALA A 125 10.65 11.13 2.32
N ASN A 126 11.40 10.36 3.10
CA ASN A 126 12.86 10.36 3.01
C ASN A 126 13.38 9.36 1.99
N ILE A 127 12.51 8.88 1.11
CA ILE A 127 12.92 7.90 0.11
C ILE A 127 12.59 8.28 -1.33
N THR A 128 13.48 7.87 -2.23
CA THR A 128 13.30 8.09 -3.66
C THR A 128 12.92 6.71 -4.20
N PRO A 129 11.67 6.54 -4.67
CA PRO A 129 11.21 5.26 -5.20
C PRO A 129 11.98 4.75 -6.42
N LEU A 138 1.16 3.36 -13.75
CA LEU A 138 0.74 3.87 -12.45
C LEU A 138 -0.34 2.98 -11.86
N PRO A 139 -0.05 2.32 -10.73
CA PRO A 139 -1.05 1.44 -10.12
C PRO A 139 -2.22 2.16 -9.49
N TYR A 140 -3.33 1.46 -9.35
CA TYR A 140 -4.50 2.02 -8.70
C TYR A 140 -4.83 1.10 -7.52
N LEU A 141 -5.71 1.56 -6.63
CA LEU A 141 -6.07 0.76 -5.48
C LEU A 141 -7.12 -0.27 -5.85
N ARG A 142 -6.69 -1.52 -5.95
CA ARG A 142 -7.58 -2.62 -6.28
C ARG A 142 -8.64 -2.79 -5.19
N THR A 143 -8.19 -2.99 -3.96
CA THR A 143 -9.09 -3.16 -2.84
C THR A 143 -8.41 -2.78 -1.55
N TRP A 144 -9.19 -2.65 -0.48
CA TRP A 144 -8.64 -2.31 0.81
C TRP A 144 -9.62 -2.69 1.90
N PHE A 145 -9.10 -2.84 3.11
CA PHE A 145 -9.93 -3.10 4.27
C PHE A 145 -9.14 -2.69 5.49
N ARG A 146 -9.82 -2.54 6.61
CA ARG A 146 -9.15 -2.16 7.83
C ARG A 146 -9.59 -3.05 8.97
N THR A 147 -8.65 -3.31 9.87
CA THR A 147 -8.91 -4.11 11.05
C THR A 147 -8.71 -3.14 12.19
N ARG A 148 -8.83 -3.62 13.41
CA ARG A 148 -8.67 -2.78 14.59
C ARG A 148 -7.25 -2.24 14.69
N SER A 149 -6.28 -3.00 14.19
CA SER A 149 -4.87 -2.61 14.28
C SER A 149 -4.19 -2.14 12.99
N ALA A 150 -4.86 -2.28 11.84
CA ALA A 150 -4.24 -1.87 10.60
C ALA A 150 -5.18 -1.62 9.44
N ILE A 151 -4.63 -0.98 8.41
CA ILE A 151 -5.37 -0.74 7.20
C ILE A 151 -4.54 -1.51 6.17
N ILE A 152 -5.22 -2.29 5.33
CA ILE A 152 -4.54 -3.09 4.32
C ILE A 152 -4.90 -2.53 2.96
N LEU A 153 -3.88 -2.28 2.16
CA LEU A 153 -4.07 -1.71 0.84
C LEU A 153 -3.47 -2.61 -0.21
N HIS A 154 -4.28 -3.00 -1.18
CA HIS A 154 -3.84 -3.88 -2.25
C HIS A 154 -3.83 -3.11 -3.55
N LEU A 155 -2.63 -2.90 -4.09
CA LEU A 155 -2.47 -2.16 -5.32
C LEU A 155 -2.54 -3.08 -6.53
N SER A 156 -2.98 -2.52 -7.66
CA SER A 156 -3.15 -3.24 -8.91
C SER A 156 -1.85 -3.84 -9.48
N ASN A 157 -0.71 -3.39 -8.96
CA ASN A 157 0.57 -3.92 -9.43
C ASN A 157 0.93 -5.16 -8.60
N GLY A 158 0.02 -5.56 -7.73
CA GLY A 158 0.24 -6.74 -6.90
C GLY A 158 0.82 -6.46 -5.52
N SER A 159 1.33 -5.25 -5.30
CA SER A 159 1.87 -4.91 -4.00
C SER A 159 0.78 -4.83 -2.96
N VAL A 160 1.13 -5.18 -1.72
CA VAL A 160 0.19 -5.10 -0.61
C VAL A 160 0.84 -4.29 0.49
N GLN A 161 0.16 -3.25 0.93
CA GLN A 161 0.70 -2.40 1.97
C GLN A 161 -0.11 -2.56 3.25
N ILE A 162 0.57 -2.68 4.38
CA ILE A 162 -0.10 -2.78 5.67
C ILE A 162 0.45 -1.72 6.62
N ASN A 163 -0.43 -0.83 7.06
CA ASN A 163 -0.06 0.25 7.97
C ASN A 163 -0.63 -0.08 9.34
N PHE A 164 0.24 -0.18 10.35
CA PHE A 164 -0.19 -0.47 11.70
C PHE A 164 -0.44 0.85 12.44
N PHE A 165 -1.70 1.02 12.83
CA PHE A 165 -2.18 2.23 13.50
C PHE A 165 -1.43 2.67 14.75
N GLN A 166 -1.32 1.76 15.73
CA GLN A 166 -0.68 2.07 17.01
C GLN A 166 0.76 2.56 17.01
N ASP A 167 1.66 1.78 16.42
CA ASP A 167 3.07 2.14 16.40
C ASP A 167 3.55 2.82 15.12
N HIS A 168 2.65 2.98 14.15
CA HIS A 168 2.94 3.63 12.87
C HIS A 168 3.93 2.88 11.96
N THR A 169 4.17 1.61 12.27
CA THR A 169 5.08 0.83 11.43
C THR A 169 4.33 0.40 10.17
N LYS A 170 5.05 0.13 9.09
CA LYS A 170 4.39 -0.24 7.84
C LYS A 170 5.15 -1.30 7.07
N LEU A 171 4.39 -2.15 6.37
CA LEU A 171 4.99 -3.18 5.54
C LEU A 171 4.51 -2.93 4.13
N ILE A 172 5.41 -3.11 3.18
CA ILE A 172 5.08 -2.97 1.77
C ILE A 172 5.61 -4.25 1.19
N LEU A 173 4.69 -5.10 0.74
CA LEU A 173 5.00 -6.40 0.19
C LEU A 173 4.92 -6.43 -1.33
N CYS A 174 6.03 -6.75 -1.99
CA CYS A 174 6.07 -6.84 -3.44
C CYS A 174 6.32 -8.29 -3.84
N PRO A 175 5.31 -8.97 -4.37
CA PRO A 175 5.43 -10.37 -4.80
C PRO A 175 6.36 -10.56 -5.99
N LEU A 176 6.51 -9.51 -6.80
CA LEU A 176 7.38 -9.57 -7.96
C LEU A 176 8.81 -9.71 -7.46
N MET A 177 9.19 -8.79 -6.58
CA MET A 177 10.53 -8.80 -5.99
C MET A 177 10.65 -9.87 -4.92
N ALA A 178 9.51 -10.37 -4.44
CA ALA A 178 9.50 -11.36 -3.38
C ALA A 178 10.24 -10.67 -2.23
N ALA A 179 9.89 -9.42 -2.01
CA ALA A 179 10.53 -8.63 -0.98
C ALA A 179 9.54 -7.90 -0.09
N VAL A 180 10.05 -7.34 0.99
CA VAL A 180 9.22 -6.60 1.91
C VAL A 180 9.98 -5.41 2.45
N THR A 181 9.34 -4.25 2.36
CA THR A 181 9.94 -3.04 2.87
C THR A 181 9.26 -2.81 4.21
N TYR A 182 10.06 -2.62 5.24
CA TYR A 182 9.55 -2.37 6.58
C TYR A 182 9.93 -0.95 6.99
N ILE A 183 8.97 -0.22 7.54
CA ILE A 183 9.22 1.13 8.03
C ILE A 183 8.91 1.06 9.52
N ASP A 184 9.96 1.18 10.35
CA ASP A 184 9.80 1.10 11.80
C ASP A 184 9.28 2.39 12.41
N GLU A 185 9.06 2.39 13.72
CA GLU A 185 8.54 3.56 14.41
C GLU A 185 9.44 4.79 14.31
N LYS A 186 10.73 4.57 14.12
CA LYS A 186 11.68 5.68 13.98
C LYS A 186 11.65 6.18 12.55
N ARG A 187 10.76 5.56 11.76
CA ARG A 187 10.57 5.89 10.35
C ARG A 187 11.74 5.51 9.46
N ASP A 188 12.49 4.49 9.87
CA ASP A 188 13.61 4.02 9.08
C ASP A 188 13.01 3.17 7.96
N PHE A 189 13.61 3.25 6.78
CA PHE A 189 13.12 2.55 5.59
C PHE A 189 14.11 1.45 5.18
N ARG A 190 13.71 0.19 5.36
CA ARG A 190 14.56 -0.94 5.00
C ARG A 190 13.81 -1.95 4.15
N THR A 191 14.39 -2.34 3.02
CA THR A 191 13.78 -3.33 2.13
C THR A 191 14.54 -4.65 2.23
N TYR A 192 13.82 -5.74 2.48
CA TYR A 192 14.44 -7.05 2.61
C TYR A 192 13.90 -8.03 1.59
N ARG A 193 14.72 -9.00 1.22
CA ARG A 193 14.28 -10.03 0.31
C ARG A 193 13.78 -11.11 1.26
N LEU A 194 12.57 -11.59 1.04
CA LEU A 194 11.98 -12.60 1.91
C LEU A 194 12.82 -13.86 2.06
N SER A 195 13.39 -14.34 0.95
CA SER A 195 14.21 -15.54 0.99
C SER A 195 15.42 -15.35 1.90
N LEU A 196 16.00 -14.15 1.91
CA LEU A 196 17.16 -13.88 2.75
C LEU A 196 16.76 -13.79 4.22
N LEU A 197 15.52 -13.37 4.48
CA LEU A 197 15.04 -13.28 5.86
C LEU A 197 15.01 -14.69 6.42
N GLU A 198 14.67 -15.65 5.57
CA GLU A 198 14.62 -17.04 5.97
C GLU A 198 16.05 -17.47 6.29
N GLU A 199 16.97 -16.99 5.47
CA GLU A 199 18.39 -17.30 5.57
C GLU A 199 19.07 -16.68 6.79
N TYR A 200 18.81 -15.41 7.03
CA TYR A 200 19.47 -14.71 8.12
C TYR A 200 18.62 -14.39 9.34
N GLY A 201 17.31 -14.48 9.19
CA GLY A 201 16.42 -14.19 10.30
C GLY A 201 16.10 -12.71 10.44
N CYS A 202 15.31 -12.38 11.45
CA CYS A 202 14.96 -10.99 11.71
C CYS A 202 14.44 -10.82 13.12
N CYS A 203 14.36 -9.58 13.56
CA CYS A 203 13.89 -9.24 14.91
C CYS A 203 12.46 -9.69 15.15
N LYS A 204 12.11 -9.84 16.43
CA LYS A 204 10.77 -10.24 16.83
C LYS A 204 9.71 -9.34 16.20
N GLU A 205 10.02 -8.04 16.13
CA GLU A 205 9.08 -7.06 15.58
C GLU A 205 8.65 -7.35 14.14
N LEU A 206 9.63 -7.47 13.25
CA LEU A 206 9.31 -7.74 11.85
C LEU A 206 8.71 -9.15 11.69
N ALA A 207 9.19 -10.11 12.48
CA ALA A 207 8.67 -11.46 12.40
C ALA A 207 7.18 -11.46 12.72
N SER A 208 6.82 -10.75 13.78
CA SER A 208 5.42 -10.67 14.18
C SER A 208 4.54 -10.09 13.09
N ARG A 209 5.00 -9.00 12.50
CA ARG A 209 4.25 -8.32 11.45
C ARG A 209 4.13 -9.14 10.17
N LEU A 210 5.11 -10.01 9.93
CA LEU A 210 5.08 -10.87 8.76
C LEU A 210 4.06 -11.99 9.00
N ARG A 211 3.86 -12.36 10.26
CA ARG A 211 2.87 -13.37 10.58
C ARG A 211 1.51 -12.73 10.35
N TYR A 212 1.37 -11.49 10.80
CA TYR A 212 0.13 -10.74 10.61
C TYR A 212 -0.13 -10.58 9.11
N ALA A 213 0.93 -10.24 8.38
CA ALA A 213 0.85 -10.05 6.93
C ALA A 213 0.22 -11.26 6.24
N ARG A 214 0.64 -12.46 6.65
CA ARG A 214 0.12 -13.68 6.06
C ARG A 214 -1.38 -13.79 6.29
N THR A 215 -1.81 -13.49 7.52
CA THR A 215 -3.24 -13.53 7.85
C THR A 215 -4.01 -12.52 7.00
N MET A 216 -3.42 -11.33 6.77
CA MET A 216 -4.09 -10.32 5.94
C MET A 216 -4.15 -10.76 4.49
N VAL A 217 -3.05 -11.32 3.99
CA VAL A 217 -3.00 -11.77 2.61
C VAL A 217 -4.10 -12.81 2.40
N ASP A 218 -4.24 -13.73 3.36
CA ASP A 218 -5.26 -14.77 3.28
C ASP A 218 -6.65 -14.14 3.26
N LYS A 219 -6.81 -13.08 4.07
CA LYS A 219 -8.09 -12.39 4.14
C LYS A 219 -8.42 -11.80 2.76
N LEU A 220 -7.43 -11.17 2.13
CA LEU A 220 -7.61 -10.60 0.79
C LEU A 220 -8.05 -11.66 -0.23
N LEU A 221 -7.49 -12.85 -0.10
CA LEU A 221 -7.81 -13.95 -1.01
C LEU A 221 -9.23 -14.49 -0.84
N SER A 222 -9.75 -14.48 0.38
CA SER A 222 -11.08 -14.98 0.65
C SER A 222 -12.13 -13.87 0.73
N SER A 223 -11.78 -12.67 0.30
CA SER A 223 -12.70 -11.54 0.33
C SER A 223 -12.93 -10.98 -1.07
N ARG A 224 -12.01 -11.31 -1.97
CA ARG A 224 -12.06 -10.83 -3.35
C ARG A 224 -13.30 -11.23 -4.15
N SER A 225 -13.46 -10.60 -5.30
CA SER A 225 -14.57 -10.86 -6.20
C SER A 225 -14.46 -9.96 -7.43
N LEU B 2 -9.67 7.99 10.77
CA LEU B 2 -10.32 8.26 9.50
C LEU B 2 -9.30 8.76 8.47
N HIS B 3 -8.04 8.81 8.88
CA HIS B 3 -6.98 9.27 8.00
C HIS B 3 -5.64 8.80 8.55
N SER B 4 -4.62 8.80 7.69
CA SER B 4 -3.28 8.40 8.08
C SER B 4 -2.63 9.53 8.88
N MET B 6 -0.81 12.50 10.78
CA MET B 6 -0.80 13.90 10.41
C MET B 6 0.61 14.47 10.39
#